data_6FXA
#
_entry.id   6FXA
#
_cell.length_a   43.840
_cell.length_b   42.560
_cell.length_c   101.160
_cell.angle_alpha   90.000
_cell.angle_beta   90.000
_cell.angle_gamma   90.000
#
_symmetry.space_group_name_H-M   'P 21 21 21'
#
loop_
_entity.id
_entity.type
_entity.pdbx_description
1 polymer CI
2 non-polymer 'SULFATE ION'
3 water water
#
_entity_poly.entity_id   1
_entity_poly.type   'polypeptide(L)'
_entity_poly.pdbx_seq_one_letter_code
;ENIEETITVMKKLEEPRQKVVLDTAKIQLKEQDEQ
;
_entity_poly.pdbx_strand_id   A,B,C,D,E,F
#
loop_
_chem_comp.id
_chem_comp.type
_chem_comp.name
_chem_comp.formula
SO4 non-polymer 'SULFATE ION' 'O4 S -2'
#
# COMPACT_ATOMS: atom_id res chain seq x y z
N GLU A 1 12.88 -17.43 -2.91
CA GLU A 1 12.59 -16.88 -4.19
C GLU A 1 11.24 -16.22 -4.07
N ASN A 2 11.04 -15.07 -4.71
CA ASN A 2 9.87 -14.26 -4.37
C ASN A 2 8.58 -14.93 -4.73
N ILE A 3 8.52 -15.62 -5.87
CA ILE A 3 7.23 -16.16 -6.28
C ILE A 3 6.87 -17.34 -5.39
N GLU A 4 7.85 -18.21 -5.13
CA GLU A 4 7.57 -19.37 -4.26
C GLU A 4 7.17 -18.89 -2.86
N GLU A 5 7.84 -17.87 -2.33
CA GLU A 5 7.48 -17.39 -1.00
C GLU A 5 6.09 -16.76 -1.00
N THR A 6 5.70 -16.13 -2.11
CA THR A 6 4.37 -15.52 -2.18
C THR A 6 3.30 -16.58 -2.23
N ILE A 7 3.52 -17.64 -3.02
CA ILE A 7 2.61 -18.78 -3.03
C ILE A 7 2.37 -19.27 -1.61
N THR A 8 3.47 -19.48 -0.83
CA THR A 8 3.35 -20.04 0.54
C THR A 8 2.44 -19.18 1.41
N VAL A 9 2.61 -17.86 1.36
CA VAL A 9 1.76 -16.96 2.15
C VAL A 9 0.34 -17.01 1.61
N MET A 10 0.19 -16.89 0.30
CA MET A 10 -1.16 -16.85 -0.27
CA MET A 10 -1.15 -16.87 -0.31
C MET A 10 -1.99 -18.11 0.03
N LYS A 11 -1.35 -19.28 0.16
CA LYS A 11 -2.10 -20.50 0.46
C LYS A 11 -2.78 -20.41 1.83
N LYS A 12 -2.33 -19.51 2.68
CA LYS A 12 -2.90 -19.30 4.00
CA LYS A 12 -2.95 -19.34 3.98
C LYS A 12 -3.97 -18.22 4.01
N LEU A 13 -4.10 -17.45 2.91
CA LEU A 13 -5.00 -16.28 2.87
C LEU A 13 -6.37 -16.65 2.32
N GLU A 14 -7.40 -16.09 2.96
CA GLU A 14 -8.75 -16.18 2.43
CA GLU A 14 -8.74 -16.18 2.43
C GLU A 14 -8.82 -15.45 1.10
N GLU A 15 -9.78 -15.88 0.24
CA GLU A 15 -9.87 -15.36 -1.11
C GLU A 15 -9.88 -13.82 -1.16
N PRO A 16 -10.61 -13.08 -0.32
CA PRO A 16 -10.63 -11.61 -0.49
C PRO A 16 -9.26 -11.02 -0.26
N ARG A 17 -8.45 -11.62 0.65
CA ARG A 17 -7.11 -11.10 0.91
C ARG A 17 -6.16 -11.46 -0.22
N GLN A 18 -6.33 -12.66 -0.79
CA GLN A 18 -5.56 -13.01 -1.99
C GLN A 18 -5.84 -12.01 -3.11
N LYS A 19 -7.10 -11.60 -3.24
CA LYS A 19 -7.48 -10.64 -4.28
C LYS A 19 -6.76 -9.30 -4.10
N VAL A 20 -6.56 -8.86 -2.86
CA VAL A 20 -5.75 -7.65 -2.60
C VAL A 20 -4.32 -7.84 -3.15
N VAL A 21 -3.72 -9.00 -2.90
CA VAL A 21 -2.37 -9.30 -3.39
C VAL A 21 -2.32 -9.26 -4.91
N LEU A 22 -3.31 -9.90 -5.56
CA LEU A 22 -3.37 -9.87 -7.01
C LEU A 22 -3.51 -8.46 -7.51
N ASP A 23 -4.41 -7.69 -6.92
CA ASP A 23 -4.64 -6.32 -7.40
C ASP A 23 -3.43 -5.43 -7.17
N THR A 24 -2.66 -5.71 -6.10
CA THR A 24 -1.39 -5.02 -5.89
C THR A 24 -0.37 -5.36 -6.97
N ALA A 25 -0.28 -6.63 -7.35
CA ALA A 25 0.61 -7.06 -8.44
C ALA A 25 0.25 -6.36 -9.74
N LYS A 26 -1.05 -6.20 -10.00
CA LYS A 26 -1.46 -5.48 -11.21
C LYS A 26 -1.06 -4.02 -11.20
N ILE A 27 -1.19 -3.35 -10.06
CA ILE A 27 -0.73 -1.96 -9.92
C ILE A 27 0.78 -1.93 -10.15
N GLN A 28 1.51 -2.91 -9.57
CA GLN A 28 2.97 -2.85 -9.71
C GLN A 28 3.37 -2.94 -11.18
N LEU A 29 2.64 -3.73 -11.97
CA LEU A 29 3.01 -3.83 -13.39
C LEU A 29 2.68 -2.51 -14.12
N LYS A 30 1.55 -1.87 -13.79
CA LYS A 30 1.29 -0.54 -14.32
C LYS A 30 2.42 0.44 -13.98
N GLU A 31 2.85 0.46 -12.70
CA GLU A 31 3.94 1.37 -12.30
C GLU A 31 5.24 1.03 -13.04
N GLN A 32 5.52 -0.27 -13.22
CA GLN A 32 6.70 -0.68 -13.97
C GLN A 32 6.64 -0.16 -15.41
N ASP A 33 5.45 -0.18 -16.00
CA ASP A 33 5.33 0.36 -17.36
C ASP A 33 5.50 1.86 -17.43
N GLU A 34 5.52 2.60 -16.33
CA GLU A 34 5.74 4.05 -16.33
C GLU A 34 7.17 4.43 -15.99
N GLN A 35 8.07 3.47 -15.78
CA GLN A 35 9.46 3.76 -15.48
C GLN A 35 10.16 4.33 -16.66
N GLU B 1 -8.00 -18.71 -10.76
CA GLU B 1 -7.65 -18.86 -9.35
CA GLU B 1 -7.56 -18.90 -9.38
C GLU B 1 -6.57 -17.79 -9.01
N ASN B 2 -6.71 -17.18 -7.82
CA ASN B 2 -5.89 -15.98 -7.53
C ASN B 2 -4.41 -16.27 -7.48
N ILE B 3 -4.00 -17.41 -6.92
CA ILE B 3 -2.56 -17.65 -6.81
C ILE B 3 -1.93 -17.71 -8.19
N GLU B 4 -2.51 -18.55 -9.08
CA GLU B 4 -1.97 -18.62 -10.43
C GLU B 4 -2.00 -17.28 -11.14
N GLU B 5 -3.09 -16.50 -10.99
CA GLU B 5 -3.13 -15.20 -11.64
CA GLU B 5 -3.14 -15.19 -11.64
C GLU B 5 -2.06 -14.26 -11.10
N THR B 6 -1.74 -14.38 -9.81
CA THR B 6 -0.69 -13.55 -9.19
C THR B 6 0.69 -13.99 -9.70
N ILE B 7 0.94 -15.30 -9.79
CA ILE B 7 2.17 -15.81 -10.38
C ILE B 7 2.34 -15.21 -11.77
N THR B 8 1.27 -15.22 -12.55
CA THR B 8 1.40 -14.76 -13.95
C THR B 8 1.87 -13.30 -13.99
N VAL B 9 1.23 -12.46 -13.16
CA VAL B 9 1.65 -11.07 -13.09
C VAL B 9 3.08 -10.96 -12.56
N MET B 10 3.39 -11.63 -11.44
CA MET B 10 4.72 -11.52 -10.83
C MET B 10 5.83 -11.93 -11.80
N LYS B 11 5.57 -12.89 -12.68
CA LYS B 11 6.60 -13.29 -13.66
C LYS B 11 7.02 -12.11 -14.55
N LYS B 12 6.15 -11.11 -14.72
CA LYS B 12 6.46 -9.92 -15.52
C LYS B 12 7.17 -8.84 -14.72
N LEU B 13 7.24 -8.94 -13.38
CA LEU B 13 7.75 -7.88 -12.55
C LEU B 13 9.26 -7.98 -12.29
N GLU B 14 9.92 -6.83 -12.29
CA GLU B 14 11.29 -6.74 -11.82
C GLU B 14 11.35 -7.18 -10.36
N GLU B 15 12.52 -7.69 -9.95
CA GLU B 15 12.62 -8.29 -8.62
C GLU B 15 12.15 -7.38 -7.48
N PRO B 16 12.49 -6.08 -7.42
CA PRO B 16 12.00 -5.25 -6.29
C PRO B 16 10.48 -5.15 -6.25
N ARG B 17 9.82 -5.15 -7.42
CA ARG B 17 8.36 -5.14 -7.40
C ARG B 17 7.80 -6.51 -7.06
N GLN B 18 8.49 -7.60 -7.41
CA GLN B 18 8.03 -8.91 -6.85
C GLN B 18 8.04 -8.87 -5.34
N LYS B 19 9.09 -8.28 -4.74
CA LYS B 19 9.17 -8.20 -3.29
CA LYS B 19 9.19 -8.19 -3.29
C LYS B 19 8.04 -7.35 -2.73
N VAL B 20 7.61 -6.29 -3.47
CA VAL B 20 6.42 -5.54 -3.03
C VAL B 20 5.22 -6.46 -2.91
N VAL B 21 5.03 -7.35 -3.86
CA VAL B 21 3.88 -8.25 -3.84
C VAL B 21 3.98 -9.23 -2.70
N LEU B 22 5.18 -9.83 -2.49
CA LEU B 22 5.36 -10.74 -1.36
C LEU B 22 5.08 -9.99 -0.05
N ASP B 23 5.63 -8.78 0.12
CA ASP B 23 5.44 -8.06 1.39
C ASP B 23 3.99 -7.67 1.57
N THR B 24 3.26 -7.41 0.48
CA THR B 24 1.80 -7.15 0.56
C THR B 24 1.07 -8.39 1.05
N ALA B 25 1.43 -9.56 0.54
CA ALA B 25 0.87 -10.80 1.05
C ALA B 25 1.19 -11.01 2.53
N LYS B 26 2.42 -10.72 2.97
CA LYS B 26 2.76 -10.90 4.37
C LYS B 26 1.93 -9.98 5.24
N ILE B 27 1.66 -8.77 4.75
CA ILE B 27 0.83 -7.85 5.54
C ILE B 27 -0.57 -8.39 5.65
N GLN B 28 -1.11 -8.87 4.53
CA GLN B 28 -2.46 -9.42 4.60
C GLN B 28 -2.57 -10.57 5.62
N LEU B 29 -1.52 -11.41 5.70
CA LEU B 29 -1.57 -12.54 6.64
C LEU B 29 -1.47 -12.04 8.07
N LYS B 30 -0.67 -11.02 8.37
CA LYS B 30 -0.63 -10.51 9.74
C LYS B 30 -1.99 -9.96 10.15
N GLU B 31 -2.67 -9.30 9.22
CA GLU B 31 -4.01 -8.79 9.56
C GLU B 31 -4.99 -9.93 9.75
N GLN B 32 -4.94 -10.93 8.88
CA GLN B 32 -5.87 -12.06 8.99
C GLN B 32 -5.67 -12.77 10.31
N ASP B 33 -4.41 -12.87 10.76
CA ASP B 33 -4.10 -13.61 11.97
C ASP B 33 -4.51 -12.82 13.24
N GLU B 34 -4.74 -11.51 13.12
CA GLU B 34 -5.04 -10.62 14.24
C GLU B 34 -6.52 -10.37 14.34
N GLN B 35 -7.24 -10.61 13.24
CA GLN B 35 -8.67 -10.49 13.17
C GLN B 35 -9.28 -11.45 14.18
N GLU C 1 -10.66 19.47 1.89
CA GLU C 1 -10.33 18.28 2.67
C GLU C 1 -9.47 17.30 1.94
N ASN C 2 -9.42 16.05 2.43
CA ASN C 2 -8.67 15.02 1.70
C ASN C 2 -9.13 14.94 0.26
N ILE C 3 -10.44 15.02 0.03
CA ILE C 3 -10.98 14.78 -1.31
C ILE C 3 -10.69 15.96 -2.23
N GLU C 4 -10.91 17.18 -1.74
CA GLU C 4 -10.62 18.35 -2.57
C GLU C 4 -9.16 18.38 -3.00
N GLU C 5 -8.23 18.14 -2.06
CA GLU C 5 -6.83 18.19 -2.45
CA GLU C 5 -6.81 18.15 -2.40
C GLU C 5 -6.46 17.02 -3.36
N THR C 6 -7.13 15.87 -3.22
CA THR C 6 -6.90 14.79 -4.19
C THR C 6 -7.32 15.22 -5.61
N ILE C 7 -8.44 15.90 -5.74
CA ILE C 7 -8.84 16.40 -7.06
C ILE C 7 -7.74 17.27 -7.66
N THR C 8 -7.25 18.23 -6.89
CA THR C 8 -6.24 19.14 -7.44
C THR C 8 -5.01 18.38 -7.90
N VAL C 9 -4.55 17.41 -7.10
CA VAL C 9 -3.38 16.64 -7.51
C VAL C 9 -3.71 15.81 -8.75
N MET C 10 -4.87 15.12 -8.78
CA MET C 10 -5.14 14.22 -9.89
CA MET C 10 -5.22 14.22 -9.87
C MET C 10 -5.27 14.96 -11.20
N LYS C 11 -5.76 16.21 -11.15
CA LYS C 11 -5.86 16.99 -12.39
C LYS C 11 -4.50 17.21 -13.05
N LYS C 12 -3.42 17.15 -12.29
CA LYS C 12 -2.09 17.31 -12.83
C LYS C 12 -1.47 15.99 -13.31
N LEU C 13 -2.08 14.83 -12.98
CA LEU C 13 -1.46 13.55 -13.28
C LEU C 13 -1.86 13.10 -14.67
N GLU C 14 -0.87 12.55 -15.40
CA GLU C 14 -1.20 11.85 -16.63
CA GLU C 14 -1.17 11.83 -16.63
C GLU C 14 -2.12 10.67 -16.33
N GLU C 15 -2.86 10.28 -17.35
CA GLU C 15 -3.84 9.20 -17.17
C GLU C 15 -3.30 7.94 -16.51
N PRO C 16 -2.15 7.38 -16.88
CA PRO C 16 -1.74 6.11 -16.25
C PRO C 16 -1.48 6.27 -14.75
N ARG C 17 -1.07 7.48 -14.33
CA ARG C 17 -0.83 7.72 -12.91
C ARG C 17 -2.13 7.95 -12.20
N GLN C 18 -3.10 8.64 -12.85
CA GLN C 18 -4.45 8.70 -12.28
C GLN C 18 -4.99 7.29 -12.05
N LYS C 19 -4.75 6.37 -12.99
CA LYS C 19 -5.31 5.02 -12.87
C LYS C 19 -4.68 4.26 -11.68
N VAL C 20 -3.40 4.48 -11.44
CA VAL C 20 -2.76 3.96 -10.22
C VAL C 20 -3.42 4.47 -8.94
N VAL C 21 -3.79 5.74 -8.90
CA VAL C 21 -4.46 6.30 -7.74
C VAL C 21 -5.84 5.67 -7.57
N LEU C 22 -6.61 5.66 -8.65
CA LEU C 22 -7.93 5.02 -8.62
C LEU C 22 -7.85 3.57 -8.13
N ASP C 23 -6.92 2.78 -8.68
CA ASP C 23 -6.85 1.38 -8.31
C ASP C 23 -6.34 1.23 -6.87
N THR C 24 -5.52 2.17 -6.37
CA THR C 24 -5.16 2.16 -4.94
C THR C 24 -6.40 2.41 -4.08
N ALA C 25 -7.22 3.38 -4.49
CA ALA C 25 -8.45 3.64 -3.75
C ALA C 25 -9.33 2.39 -3.75
N LYS C 26 -9.45 1.70 -4.88
CA LYS C 26 -10.25 0.47 -4.91
C LYS C 26 -9.74 -0.58 -3.92
N ILE C 27 -8.41 -0.76 -3.86
CA ILE C 27 -7.85 -1.70 -2.87
C ILE C 27 -8.13 -1.22 -1.44
N GLN C 28 -8.00 0.08 -1.18
CA GLN C 28 -8.34 0.58 0.17
C GLN C 28 -9.76 0.21 0.55
N LEU C 29 -10.70 0.35 -0.37
CA LEU C 29 -12.09 0.03 -0.03
C LEU C 29 -12.29 -1.47 0.22
N LYS C 30 -11.64 -2.31 -0.57
CA LYS C 30 -11.69 -3.76 -0.32
C LYS C 30 -11.14 -4.04 1.05
N GLU C 31 -9.98 -3.44 1.39
CA GLU C 31 -9.39 -3.70 2.71
C GLU C 31 -10.34 -3.24 3.81
N GLN C 32 -10.97 -2.08 3.63
CA GLN C 32 -11.88 -1.60 4.68
C GLN C 32 -13.06 -2.53 4.83
N ASP C 33 -13.59 -3.02 3.69
CA ASP C 33 -14.75 -3.95 3.71
C ASP C 33 -14.44 -5.25 4.44
N GLU C 34 -13.18 -5.67 4.46
CA GLU C 34 -12.75 -6.95 5.02
C GLU C 34 -12.25 -6.81 6.44
N GLN C 35 -12.11 -5.59 6.91
CA GLN C 35 -11.49 -5.37 8.21
C GLN C 35 -12.52 -5.70 9.30
N GLU D 1 -14.75 8.28 -15.54
CA GLU D 1 -13.63 9.20 -15.59
C GLU D 1 -12.87 9.09 -14.28
N ASN D 2 -11.55 9.15 -14.37
CA ASN D 2 -10.75 8.65 -13.28
C ASN D 2 -10.98 9.44 -12.01
N ILE D 3 -11.03 10.77 -12.12
CA ILE D 3 -11.12 11.62 -10.92
C ILE D 3 -12.47 11.41 -10.23
N GLU D 4 -13.56 11.52 -10.98
CA GLU D 4 -14.87 11.33 -10.39
C GLU D 4 -14.95 9.94 -9.74
N GLU D 5 -14.43 8.92 -10.43
CA GLU D 5 -14.49 7.57 -9.84
C GLU D 5 -13.66 7.48 -8.58
N THR D 6 -12.51 8.15 -8.54
CA THR D 6 -11.66 8.09 -7.35
C THR D 6 -12.35 8.78 -6.19
N ILE D 7 -13.01 9.90 -6.46
CA ILE D 7 -13.71 10.64 -5.41
C ILE D 7 -14.86 9.84 -4.85
N THR D 8 -15.56 9.13 -5.73
CA THR D 8 -16.67 8.28 -5.30
C THR D 8 -16.21 7.21 -4.32
N VAL D 9 -15.05 6.58 -4.61
CA VAL D 9 -14.46 5.61 -3.69
C VAL D 9 -13.99 6.31 -2.40
N MET D 10 -13.23 7.41 -2.53
CA MET D 10 -12.68 8.07 -1.34
C MET D 10 -13.77 8.51 -0.35
N LYS D 11 -14.92 8.89 -0.87
CA LYS D 11 -16.00 9.32 0.02
C LYS D 11 -16.43 8.22 0.97
N LYS D 12 -16.25 6.97 0.59
CA LYS D 12 -16.64 5.85 1.41
C LYS D 12 -15.53 5.42 2.35
N LEU D 13 -14.36 6.07 2.30
CA LEU D 13 -13.22 5.58 3.07
C LEU D 13 -13.04 6.32 4.40
N GLU D 14 -12.57 5.56 5.42
CA GLU D 14 -12.18 6.12 6.70
CA GLU D 14 -12.23 6.17 6.69
C GLU D 14 -11.05 7.13 6.47
N GLU D 15 -10.91 8.07 7.40
CA GLU D 15 -9.94 9.17 7.31
C GLU D 15 -8.52 8.71 6.89
N PRO D 16 -7.85 7.83 7.60
CA PRO D 16 -6.48 7.52 7.17
C PRO D 16 -6.40 6.79 5.84
N ARG D 17 -7.43 6.04 5.45
CA ARG D 17 -7.46 5.42 4.12
C ARG D 17 -7.62 6.47 3.01
N GLN D 18 -8.43 7.50 3.27
CA GLN D 18 -8.45 8.66 2.34
C GLN D 18 -7.08 9.25 2.19
N LYS D 19 -6.36 9.33 3.29
CA LYS D 19 -4.99 9.86 3.24
C LYS D 19 -4.07 8.98 2.42
N VAL D 20 -4.17 7.63 2.56
CA VAL D 20 -3.34 6.79 1.70
C VAL D 20 -3.57 7.16 0.22
N VAL D 21 -4.82 7.33 -0.20
CA VAL D 21 -5.10 7.65 -1.61
C VAL D 21 -4.48 8.99 -1.98
N LEU D 22 -4.72 10.02 -1.15
CA LEU D 22 -4.17 11.35 -1.44
C LEU D 22 -2.65 11.32 -1.48
N ASP D 23 -2.05 10.55 -0.56
CA ASP D 23 -0.60 10.52 -0.51
C ASP D 23 -0.03 9.71 -1.67
N THR D 24 -0.74 8.69 -2.12
CA THR D 24 -0.36 7.97 -3.33
C THR D 24 -0.39 8.92 -4.53
N ALA D 25 -1.43 9.74 -4.63
CA ALA D 25 -1.46 10.73 -5.72
C ALA D 25 -0.25 11.65 -5.65
N LYS D 26 0.07 12.16 -4.45
CA LYS D 26 1.23 13.01 -4.31
C LYS D 26 2.53 12.28 -4.71
N ILE D 27 2.66 11.01 -4.34
CA ILE D 27 3.84 10.26 -4.77
C ILE D 27 3.90 10.24 -6.30
N GLN D 28 2.79 9.91 -6.95
CA GLN D 28 2.78 9.83 -8.41
C GLN D 28 3.17 11.16 -9.04
N LEU D 29 2.74 12.27 -8.44
CA LEU D 29 3.01 13.56 -9.05
C LEU D 29 4.47 13.91 -8.87
N LYS D 30 5.02 13.59 -7.70
CA LYS D 30 6.45 13.84 -7.50
C LYS D 30 7.30 13.04 -8.49
N GLU D 31 6.86 11.82 -8.84
CA GLU D 31 7.59 10.96 -9.78
C GLU D 31 7.45 11.43 -11.20
N GLN D 32 6.30 12.00 -11.52
CA GLN D 32 6.02 12.40 -12.89
C GLN D 32 6.94 13.52 -13.27
N ASP D 33 7.15 14.41 -12.30
CA ASP D 33 7.91 15.64 -12.42
C ASP D 33 9.41 15.39 -12.32
N GLU D 34 9.86 14.54 -11.39
CA GLU D 34 11.29 14.20 -11.32
C GLU D 34 11.62 13.42 -12.59
N GLU E 1 7.26 16.73 8.41
CA GLU E 1 7.92 15.56 8.92
C GLU E 1 6.84 14.46 9.18
N ASN E 2 7.31 13.24 9.30
CA ASN E 2 6.43 12.10 9.49
C ASN E 2 6.99 11.06 10.43
N ILE E 3 8.31 11.05 10.69
CA ILE E 3 8.86 9.96 11.50
C ILE E 3 8.41 10.10 12.95
N GLU E 4 8.52 11.33 13.50
CA GLU E 4 8.14 11.54 14.88
C GLU E 4 6.74 10.99 15.16
N GLU E 5 5.78 11.33 14.31
CA GLU E 5 4.41 10.89 14.52
C GLU E 5 4.25 9.39 14.22
N THR E 6 5.00 8.85 13.26
CA THR E 6 4.97 7.40 13.00
C THR E 6 5.45 6.59 14.22
N ILE E 7 6.54 7.06 14.85
CA ILE E 7 7.01 6.42 16.09
C ILE E 7 5.92 6.46 17.15
N THR E 8 5.26 7.61 17.31
CA THR E 8 4.25 7.74 18.36
C THR E 8 3.09 6.77 18.16
N VAL E 9 2.65 6.61 16.90
CA VAL E 9 1.59 5.64 16.61
C VAL E 9 2.09 4.21 16.81
N MET E 10 3.30 3.90 16.30
CA MET E 10 3.85 2.55 16.42
C MET E 10 3.96 2.11 17.88
N LYS E 11 4.35 3.01 18.79
CA LYS E 11 4.48 2.62 20.20
C LYS E 11 3.16 2.11 20.78
N LYS E 12 2.00 2.51 20.21
CA LYS E 12 0.70 1.99 20.62
C LYS E 12 0.30 0.69 19.94
N LEU E 13 1.00 0.28 18.87
CA LEU E 13 0.56 -0.90 18.11
C LEU E 13 1.08 -2.19 18.70
N GLU E 14 0.23 -3.21 18.66
CA GLU E 14 0.65 -4.59 18.89
C GLU E 14 1.75 -5.01 17.93
N GLU E 15 2.56 -5.96 18.40
CA GLU E 15 3.71 -6.42 17.62
C GLU E 15 3.40 -6.70 16.15
N PRO E 16 2.41 -7.51 15.79
CA PRO E 16 2.20 -7.80 14.35
C PRO E 16 1.81 -6.56 13.59
N ARG E 17 1.10 -5.62 14.23
CA ARG E 17 0.73 -4.38 13.53
C ARG E 17 1.93 -3.46 13.34
N GLN E 18 2.89 -3.50 14.26
CA GLN E 18 4.15 -2.80 14.03
C GLN E 18 4.86 -3.39 12.85
N LYS E 19 4.78 -4.73 12.68
CA LYS E 19 5.41 -5.36 11.53
CA LYS E 19 5.40 -5.37 11.53
C LYS E 19 4.72 -4.98 10.22
N VAL E 20 3.39 -4.76 10.24
CA VAL E 20 2.70 -4.28 9.04
C VAL E 20 3.29 -2.91 8.62
N VAL E 21 3.51 -2.00 9.61
CA VAL E 21 4.04 -0.68 9.31
C VAL E 21 5.45 -0.80 8.76
N LEU E 22 6.32 -1.61 9.41
CA LEU E 22 7.65 -1.86 8.85
C LEU E 22 7.60 -2.41 7.41
N ASP E 23 6.74 -3.42 7.15
CA ASP E 23 6.68 -3.95 5.79
C ASP E 23 6.16 -2.88 4.82
N THR E 24 5.28 -1.98 5.31
CA THR E 24 4.82 -0.90 4.44
C THR E 24 5.96 0.01 4.07
N ALA E 25 6.82 0.34 5.03
CA ALA E 25 7.98 1.16 4.73
C ALA E 25 8.91 0.45 3.73
N LYS E 26 9.13 -0.86 3.91
CA LYS E 26 9.94 -1.65 2.96
C LYS E 26 9.38 -1.59 1.56
N ILE E 27 8.06 -1.75 1.42
CA ILE E 27 7.42 -1.61 0.10
C ILE E 27 7.66 -0.21 -0.49
N GLN E 28 7.51 0.84 0.33
CA GLN E 28 7.74 2.18 -0.21
C GLN E 28 9.15 2.30 -0.77
N LEU E 29 10.13 1.71 -0.08
CA LEU E 29 11.49 1.92 -0.54
C LEU E 29 11.79 1.12 -1.80
N LYS E 30 11.17 -0.07 -1.96
CA LYS E 30 11.33 -0.80 -3.22
C LYS E 30 10.73 0.00 -4.37
N GLU E 31 9.51 0.55 -4.15
CA GLU E 31 8.92 1.39 -5.18
C GLU E 31 9.80 2.59 -5.48
N GLN E 32 10.33 3.25 -4.45
CA GLN E 32 11.15 4.43 -4.69
C GLN E 32 12.42 4.05 -5.49
N ASP E 33 13.04 2.92 -5.14
CA ASP E 33 14.19 2.44 -5.92
C ASP E 33 13.87 2.27 -7.40
N GLU E 34 12.61 1.99 -7.77
CA GLU E 34 12.29 1.70 -9.17
CA GLU E 34 12.32 1.70 -9.16
C GLU E 34 11.93 2.94 -9.96
N GLN E 35 11.66 4.05 -9.30
CA GLN E 35 11.36 5.26 -10.00
C GLN E 35 12.65 5.77 -10.70
N GLU F 1 12.23 -3.38 18.38
CA GLU F 1 13.03 -3.61 17.19
C GLU F 1 12.29 -3.07 15.95
N ASN F 2 10.98 -3.30 15.89
CA ASN F 2 10.26 -2.87 14.70
C ASN F 2 10.32 -1.36 14.51
N ILE F 3 10.35 -0.62 15.61
CA ILE F 3 10.36 0.83 15.50
C ILE F 3 11.69 1.32 14.92
N GLU F 4 12.81 0.83 15.44
CA GLU F 4 14.11 1.28 14.94
CA GLU F 4 14.10 1.28 14.94
C GLU F 4 14.31 0.87 13.49
N GLU F 5 13.86 -0.33 13.12
CA GLU F 5 14.00 -0.78 11.74
C GLU F 5 13.14 0.08 10.82
N THR F 6 11.96 0.49 11.30
CA THR F 6 11.07 1.32 10.49
C THR F 6 11.66 2.71 10.30
N ILE F 7 12.24 3.30 11.38
CA ILE F 7 12.88 4.62 11.28
C ILE F 7 14.01 4.58 10.26
N THR F 8 14.79 3.51 10.29
CA THR F 8 15.90 3.39 9.37
C THR F 8 15.42 3.42 7.94
N VAL F 9 14.32 2.72 7.64
CA VAL F 9 13.81 2.73 6.28
C VAL F 9 13.25 4.11 5.92
N MET F 10 12.50 4.72 6.86
CA MET F 10 11.84 5.99 6.56
C MET F 10 12.82 7.11 6.25
N LYS F 11 13.97 7.15 6.95
CA LYS F 11 14.97 8.17 6.67
CA LYS F 11 15.00 8.14 6.67
C LYS F 11 15.39 8.15 5.20
N LYS F 12 15.27 7.01 4.51
CA LYS F 12 15.60 6.92 3.10
C LYS F 12 14.47 7.30 2.17
N LEU F 13 13.27 7.49 2.69
CA LEU F 13 12.08 7.72 1.86
C LEU F 13 11.86 9.22 1.66
N GLU F 14 11.41 9.58 0.45
CA GLU F 14 10.81 10.87 0.16
C GLU F 14 9.62 11.14 1.07
N GLU F 15 9.32 12.43 1.25
CA GLU F 15 8.26 12.82 2.18
C GLU F 15 6.89 12.20 1.89
N PRO F 16 6.31 12.26 0.68
CA PRO F 16 4.99 11.65 0.53
C PRO F 16 5.02 10.15 0.71
N ARG F 17 6.17 9.48 0.49
CA ARG F 17 6.25 8.05 0.79
C ARG F 17 6.28 7.80 2.31
N GLN F 18 7.02 8.62 3.06
CA GLN F 18 6.89 8.55 4.52
C GLN F 18 5.44 8.74 4.97
N LYS F 19 4.67 9.61 4.27
CA LYS F 19 3.26 9.83 4.66
C LYS F 19 2.42 8.57 4.52
N VAL F 20 2.64 7.78 3.45
CA VAL F 20 1.91 6.52 3.37
C VAL F 20 2.18 5.64 4.59
N VAL F 21 3.42 5.60 5.06
CA VAL F 21 3.75 4.76 6.22
C VAL F 21 2.99 5.27 7.45
N LEU F 22 3.01 6.60 7.70
CA LEU F 22 2.25 7.14 8.81
C LEU F 22 0.75 6.80 8.66
N ASP F 23 0.18 7.03 7.48
CA ASP F 23 -1.24 6.79 7.32
C ASP F 23 -1.55 5.34 7.59
N THR F 24 -0.65 4.44 7.17
CA THR F 24 -0.85 3.01 7.40
C THR F 24 -0.79 2.67 8.89
N ALA F 25 0.15 3.29 9.63
CA ALA F 25 0.16 3.11 11.09
C ALA F 25 -1.17 3.51 11.71
N LYS F 26 -1.77 4.62 11.23
CA LYS F 26 -3.08 5.07 11.72
C LYS F 26 -4.22 4.12 11.36
N ILE F 27 -4.19 3.53 10.14
CA ILE F 27 -5.17 2.48 9.82
C ILE F 27 -5.04 1.33 10.80
N GLN F 28 -3.80 0.89 11.06
CA GLN F 28 -3.54 -0.20 11.99
C GLN F 28 -4.07 0.12 13.36
N LEU F 29 -3.85 1.36 13.84
CA LEU F 29 -4.33 1.72 15.17
C LEU F 29 -5.85 1.64 15.24
N LYS F 30 -6.54 2.08 14.17
CA LYS F 30 -8.00 1.99 14.15
CA LYS F 30 -8.00 1.99 14.11
C LYS F 30 -8.47 0.53 14.15
N GLU F 31 -7.84 -0.34 13.35
CA GLU F 31 -8.20 -1.76 13.36
C GLU F 31 -7.97 -2.36 14.74
N GLN F 32 -6.89 -1.96 15.39
CA GLN F 32 -6.60 -2.50 16.71
C GLN F 32 -7.69 -2.16 17.70
N ASP F 33 -8.17 -0.92 17.63
CA ASP F 33 -9.26 -0.50 18.49
C ASP F 33 -10.59 -1.18 18.13
N GLU F 34 -10.69 -1.79 16.92
CA GLU F 34 -11.89 -2.53 16.51
C GLU F 34 -11.99 -3.86 17.26
N GLN F 35 -10.91 -4.65 17.27
CA GLN F 35 -10.84 -5.83 18.12
C GLN F 35 -11.04 -5.34 19.56
S SO4 G . -13.19 -10.23 -3.45
O1 SO4 G . -12.29 -11.28 -3.88
O2 SO4 G . -12.53 -8.94 -3.27
O3 SO4 G . -13.95 -10.00 -4.68
O4 SO4 G . -14.01 -10.50 -2.23
S SO4 H . -7.55 -0.86 -16.74
O1 SO4 H . -6.63 -1.47 -17.71
O2 SO4 H . -6.79 0.02 -15.88
O3 SO4 H . -8.57 -0.09 -17.43
O4 SO4 H . -8.17 -1.91 -15.93
S SO4 I . -3.62 2.76 -17.95
O1 SO4 I . -2.52 3.62 -18.38
O2 SO4 I . -3.91 1.83 -19.01
O3 SO4 I . -4.79 3.60 -17.66
O4 SO4 I . -3.28 2.02 -16.75
#